data_8GW4
#
_entry.id   8GW4
#
_cell.length_a   67.063
_cell.length_b   67.063
_cell.length_c   238.089
_cell.angle_alpha   90.00
_cell.angle_beta   90.00
_cell.angle_gamma   120.00
#
_symmetry.space_group_name_H-M   'P 31 2 1'
#
loop_
_entity.id
_entity.type
_entity.pdbx_description
1 polymer 'Replicase polyprotein 1ab'
2 polymer 'peptide 8-1'
#
loop_
_entity_poly.entity_id
_entity_poly.type
_entity_poly.pdbx_seq_one_letter_code
_entity_poly.pdbx_strand_id
1 'polypeptide(L)'
;SGFRKMAFPSGKVEGCMVQVTCGTTTLNGLWLDDVVYCPRHVICTSEDMLNPNYEDLLIRKSNHNFLVQAGNVQLRVIGH
SMQNCVLKLKVDTANPKTPKYKFVRIQPGQTFSVLACYNGSPSGVYQCAMRPNFTIKGSFLNGSAGSVGFNIDYDCVSFC
YMHHMELPTGVHAGTDLEGNFYGPFVDRQTAQAAGTDTTITVNVLAWLYAAVINGDRWFLNRFTTTLNDFNLVAMKYNYE
PLTQDHVDILGPLSAQTGIAVLDMCASLKELLQNGMNGRTILGSALLEDEFTPFDVVRQCSG
;
A,B
2 'polypeptide(L)' TSVKLQAEFRKM C,D
#
# COMPACT_ATOMS: atom_id res chain seq x y z
N SER A 1 -1.93 18.41 0.21
CA SER A 1 -2.04 17.80 -1.11
C SER A 1 -1.48 16.38 -1.11
N GLY A 2 -1.83 15.60 -2.12
CA GLY A 2 -1.35 14.24 -2.23
C GLY A 2 -2.46 13.20 -2.24
N PHE A 3 -2.36 12.24 -3.16
CA PHE A 3 -3.33 11.16 -3.30
C PHE A 3 -2.58 9.89 -3.66
N ARG A 4 -2.78 8.83 -2.88
CA ARG A 4 -1.96 7.63 -3.00
C ARG A 4 -2.83 6.39 -2.83
N LYS A 5 -2.37 5.28 -3.41
CA LYS A 5 -2.86 3.98 -3.01
C LYS A 5 -2.49 3.75 -1.55
N MET A 6 -3.50 3.62 -0.69
CA MET A 6 -3.26 3.68 0.75
C MET A 6 -4.17 2.67 1.45
N ALA A 7 -3.55 1.72 2.16
CA ALA A 7 -4.25 0.69 2.90
C ALA A 7 -4.44 1.08 4.36
N PHE A 8 -5.48 0.53 4.97
CA PHE A 8 -5.70 0.74 6.39
C PHE A 8 -4.50 0.21 7.18
N PRO A 9 -4.20 0.80 8.34
CA PRO A 9 -3.21 0.20 9.25
C PRO A 9 -3.64 -1.21 9.62
N SER A 10 -2.78 -2.18 9.30
CA SER A 10 -3.14 -3.59 9.36
C SER A 10 -2.95 -4.21 10.73
N GLY A 11 -2.59 -3.43 11.75
CA GLY A 11 -2.27 -4.01 13.05
C GLY A 11 -3.38 -4.87 13.63
N LYS A 12 -4.63 -4.38 13.53
CA LYS A 12 -5.75 -5.10 14.11
C LYS A 12 -5.98 -6.44 13.42
N VAL A 13 -5.64 -6.56 12.14
CA VAL A 13 -5.79 -7.82 11.43
C VAL A 13 -4.59 -8.74 11.66
N GLU A 14 -3.40 -8.17 11.85
CA GLU A 14 -2.20 -8.97 12.06
C GLU A 14 -2.30 -9.80 13.33
N GLY A 15 -2.93 -9.26 14.37
CA GLY A 15 -3.21 -9.97 15.60
C GLY A 15 -4.21 -11.09 15.51
N CYS A 16 -4.66 -11.43 14.30
CA CYS A 16 -5.57 -12.55 14.09
C CYS A 16 -5.01 -13.58 13.13
N MET A 17 -3.80 -13.36 12.60
CA MET A 17 -3.21 -14.23 11.60
C MET A 17 -2.45 -15.36 12.27
N VAL A 18 -2.87 -16.60 11.99
CA VAL A 18 -2.24 -17.79 12.53
C VAL A 18 -1.85 -18.71 11.37
N GLN A 19 -0.99 -19.68 11.68
CA GLN A 19 -0.60 -20.71 10.73
C GLN A 19 -1.42 -21.97 10.98
N VAL A 20 -1.90 -22.58 9.90
CA VAL A 20 -2.69 -23.80 9.96
C VAL A 20 -2.00 -24.84 9.09
N THR A 21 -1.73 -26.01 9.68
CA THR A 21 -1.07 -27.10 8.96
C THR A 21 -1.87 -28.39 9.18
N CYS A 22 -2.34 -28.97 8.08
CA CYS A 22 -2.97 -30.28 8.09
C CYS A 22 -2.19 -31.17 7.14
N GLY A 23 -1.71 -32.30 7.65
CA GLY A 23 -0.87 -33.17 6.85
C GLY A 23 0.38 -32.43 6.41
N THR A 24 0.54 -32.26 5.10
CA THR A 24 1.66 -31.52 4.54
C THR A 24 1.25 -30.18 3.94
N THR A 25 -0.04 -29.88 3.87
CA THR A 25 -0.53 -28.64 3.29
C THR A 25 -0.59 -27.55 4.35
N THR A 26 -0.05 -26.38 4.03
CA THR A 26 0.01 -25.25 4.95
C THR A 26 -0.51 -23.99 4.28
N LEU A 27 -1.43 -23.30 4.94
CA LEU A 27 -1.90 -21.99 4.49
C LEU A 27 -2.09 -21.11 5.72
N ASN A 28 -2.91 -20.08 5.60
CA ASN A 28 -3.14 -19.11 6.66
C ASN A 28 -4.53 -19.30 7.25
N GLY A 29 -4.68 -18.83 8.49
CA GLY A 29 -5.96 -18.87 9.16
C GLY A 29 -6.22 -17.57 9.87
N LEU A 30 -7.51 -17.26 10.02
CA LEU A 30 -7.96 -16.02 10.65
C LEU A 30 -8.54 -16.36 12.02
N TRP A 31 -7.91 -15.84 13.08
CA TRP A 31 -8.21 -16.22 14.46
C TRP A 31 -9.03 -15.12 15.11
N LEU A 32 -10.34 -15.32 15.18
CA LEU A 32 -11.26 -14.38 15.80
C LEU A 32 -12.04 -15.11 16.89
N ASP A 33 -12.06 -14.53 18.09
CA ASP A 33 -12.60 -15.20 19.25
C ASP A 33 -11.95 -16.58 19.38
N ASP A 34 -12.72 -17.63 19.67
CA ASP A 34 -12.15 -18.96 19.79
C ASP A 34 -12.39 -19.84 18.57
N VAL A 35 -12.63 -19.22 17.40
CA VAL A 35 -12.85 -19.94 16.15
C VAL A 35 -11.79 -19.51 15.14
N VAL A 36 -11.25 -20.47 14.41
CA VAL A 36 -10.28 -20.22 13.36
C VAL A 36 -10.90 -20.58 12.01
N TYR A 37 -10.92 -19.61 11.09
CA TYR A 37 -11.39 -19.82 9.73
C TYR A 37 -10.19 -19.93 8.80
N CYS A 38 -10.30 -20.80 7.80
CA CYS A 38 -9.23 -20.98 6.83
C CYS A 38 -9.81 -21.63 5.59
N PRO A 39 -9.18 -21.45 4.42
CA PRO A 39 -9.68 -22.12 3.21
C PRO A 39 -9.62 -23.63 3.36
N ARG A 40 -10.62 -24.30 2.78
CA ARG A 40 -10.81 -25.72 3.06
C ARG A 40 -9.79 -26.61 2.34
N HIS A 41 -9.09 -26.10 1.33
CA HIS A 41 -8.10 -26.92 0.64
C HIS A 41 -6.80 -27.06 1.41
N VAL A 42 -6.82 -26.88 2.73
CA VAL A 42 -5.71 -27.30 3.57
C VAL A 42 -5.74 -28.81 3.81
N ILE A 43 -6.87 -29.47 3.55
CA ILE A 43 -7.04 -30.89 3.80
C ILE A 43 -6.78 -31.66 2.51
N CYS A 44 -6.35 -30.95 1.47
CA CYS A 44 -6.03 -31.55 0.19
C CYS A 44 -4.56 -31.92 0.11
N THR A 45 -4.27 -33.08 -0.46
CA THR A 45 -2.91 -33.47 -0.76
C THR A 45 -2.51 -32.90 -2.11
N SER A 46 -1.23 -33.03 -2.45
CA SER A 46 -0.76 -32.62 -3.76
C SER A 46 -1.39 -33.44 -4.87
N GLU A 47 -1.97 -34.60 -4.54
CA GLU A 47 -2.58 -35.47 -5.54
C GLU A 47 -4.07 -35.15 -5.73
N ASP A 48 -4.87 -35.36 -4.68
CA ASP A 48 -6.31 -35.06 -4.78
C ASP A 48 -6.54 -33.56 -4.82
N MET A 49 -6.25 -32.93 -5.97
CA MET A 49 -6.46 -31.50 -6.12
C MET A 49 -7.31 -31.21 -7.36
N LEU A 50 -7.20 -32.05 -8.39
CA LEU A 50 -7.93 -31.83 -9.63
C LEU A 50 -9.44 -31.90 -9.39
N ASN A 51 -9.93 -33.03 -8.89
CA ASN A 51 -11.35 -33.26 -8.67
C ASN A 51 -11.55 -33.87 -7.28
N PRO A 52 -11.35 -33.07 -6.23
CA PRO A 52 -11.55 -33.59 -4.88
C PRO A 52 -12.95 -33.34 -4.35
N ASN A 53 -13.38 -34.22 -3.46
CA ASN A 53 -14.64 -34.07 -2.73
C ASN A 53 -14.29 -33.74 -1.29
N TYR A 54 -14.50 -32.48 -0.91
CA TYR A 54 -14.02 -32.00 0.39
C TYR A 54 -14.80 -32.62 1.54
N GLU A 55 -16.07 -32.96 1.31
CA GLU A 55 -16.85 -33.63 2.35
C GLU A 55 -16.35 -35.05 2.58
N ASP A 56 -15.87 -35.71 1.53
CA ASP A 56 -15.20 -37.00 1.68
C ASP A 56 -13.88 -36.84 2.42
N LEU A 57 -13.06 -35.86 2.00
CA LEU A 57 -11.76 -35.62 2.60
C LEU A 57 -11.87 -35.15 4.05
N LEU A 58 -13.00 -34.54 4.43
CA LEU A 58 -13.15 -33.98 5.76
C LEU A 58 -13.40 -35.05 6.81
N ILE A 59 -14.27 -36.01 6.51
CA ILE A 59 -14.58 -37.09 7.46
C ILE A 59 -13.30 -37.86 7.81
N ARG A 60 -12.35 -37.92 6.88
CA ARG A 60 -11.08 -38.60 7.10
C ARG A 60 -10.16 -37.87 8.06
N LYS A 61 -10.44 -36.61 8.37
CA LYS A 61 -9.61 -35.81 9.28
C LYS A 61 -10.35 -35.56 10.58
N SER A 62 -9.63 -35.68 11.69
CA SER A 62 -10.17 -35.38 13.02
C SER A 62 -9.43 -34.17 13.60
N ASN A 63 -9.71 -33.90 14.88
CA ASN A 63 -9.27 -32.66 15.50
C ASN A 63 -7.76 -32.53 15.49
N HIS A 64 -7.05 -33.54 16.01
CA HIS A 64 -5.59 -33.46 16.10
C HIS A 64 -4.89 -33.56 14.75
N ASN A 65 -5.63 -33.63 13.64
CA ASN A 65 -5.02 -33.54 12.31
C ASN A 65 -4.83 -32.11 11.85
N PHE A 66 -5.38 -31.14 12.57
CA PHE A 66 -5.17 -29.73 12.31
C PHE A 66 -4.19 -29.18 13.34
N LEU A 67 -3.15 -28.50 12.87
CA LEU A 67 -2.14 -27.89 13.73
C LEU A 67 -2.19 -26.38 13.56
N VAL A 68 -2.70 -25.67 14.56
CA VAL A 68 -2.78 -24.22 14.56
C VAL A 68 -1.70 -23.64 15.45
N GLN A 69 -1.00 -22.63 14.96
CA GLN A 69 0.12 -22.02 15.68
C GLN A 69 0.01 -20.50 15.59
N ALA A 70 -0.10 -19.84 16.75
CA ALA A 70 -0.18 -18.39 16.84
C ALA A 70 1.10 -17.91 17.52
N GLY A 71 2.08 -17.51 16.71
CA GLY A 71 3.37 -17.13 17.26
C GLY A 71 4.01 -18.29 17.96
N ASN A 72 4.36 -18.10 19.23
CA ASN A 72 4.95 -19.15 20.04
C ASN A 72 3.90 -20.00 20.76
N VAL A 73 2.63 -19.83 20.42
CA VAL A 73 1.53 -20.56 21.04
C VAL A 73 0.93 -21.50 20.00
N GLN A 74 0.62 -22.72 20.41
CA GLN A 74 -0.09 -23.68 19.58
C GLN A 74 -1.46 -23.94 20.16
N LEU A 75 -2.49 -23.75 19.34
CA LEU A 75 -3.88 -23.78 19.79
C LEU A 75 -4.46 -25.18 19.59
N ARG A 76 -4.85 -25.82 20.70
CA ARG A 76 -5.46 -27.14 20.62
C ARG A 76 -6.85 -27.03 20.03
N VAL A 77 -7.07 -27.68 18.89
CA VAL A 77 -8.37 -27.65 18.22
C VAL A 77 -9.31 -28.61 18.94
N ILE A 78 -10.53 -28.14 19.19
CA ILE A 78 -11.55 -28.95 19.86
C ILE A 78 -12.70 -29.33 18.94
N GLY A 79 -12.83 -28.68 17.78
CA GLY A 79 -13.93 -28.99 16.88
C GLY A 79 -13.66 -28.48 15.49
N HIS A 80 -14.40 -29.05 14.53
CA HIS A 80 -14.26 -28.66 13.14
C HIS A 80 -15.60 -28.81 12.44
N SER A 81 -15.88 -27.89 11.52
CA SER A 81 -17.05 -27.95 10.67
C SER A 81 -16.71 -27.21 9.38
N MET A 82 -17.55 -27.38 8.36
CA MET A 82 -17.31 -26.82 7.04
C MET A 82 -18.49 -25.95 6.61
N GLN A 83 -18.18 -24.72 6.18
CA GLN A 83 -19.18 -23.79 5.66
C GLN A 83 -18.68 -23.34 4.28
N ASN A 84 -19.29 -23.89 3.23
CA ASN A 84 -18.88 -23.61 1.85
C ASN A 84 -17.40 -23.92 1.64
N CYS A 85 -16.58 -22.90 1.38
CA CYS A 85 -15.18 -23.13 1.05
C CYS A 85 -14.22 -22.79 2.18
N VAL A 86 -14.72 -22.68 3.42
CA VAL A 86 -13.84 -22.45 4.57
C VAL A 86 -14.13 -23.48 5.65
N LEU A 87 -13.10 -23.79 6.44
CA LEU A 87 -13.23 -24.65 7.60
C LEU A 87 -13.17 -23.82 8.88
N LYS A 88 -14.06 -24.12 9.81
CA LYS A 88 -14.16 -23.39 11.07
C LYS A 88 -13.60 -24.29 12.17
N LEU A 89 -12.44 -23.92 12.69
CA LEU A 89 -11.76 -24.69 13.72
C LEU A 89 -11.94 -24.01 15.07
N LYS A 90 -12.66 -24.67 15.98
CA LYS A 90 -12.78 -24.19 17.34
C LYS A 90 -11.52 -24.52 18.13
N VAL A 91 -11.02 -23.54 18.90
CA VAL A 91 -9.78 -23.67 19.63
C VAL A 91 -10.00 -23.35 21.10
N ASP A 92 -9.08 -23.84 21.94
CA ASP A 92 -9.22 -23.75 23.38
C ASP A 92 -8.93 -22.35 23.92
N THR A 93 -8.49 -21.42 23.08
CA THR A 93 -8.08 -20.09 23.52
C THR A 93 -8.69 -19.05 22.60
N ALA A 94 -9.60 -18.23 23.13
CA ALA A 94 -10.09 -17.09 22.37
C ALA A 94 -8.96 -16.09 22.17
N ASN A 95 -8.89 -15.55 20.95
CA ASN A 95 -7.81 -14.63 20.61
C ASN A 95 -7.92 -13.37 21.47
N PRO A 96 -6.91 -13.07 22.30
CA PRO A 96 -6.99 -11.85 23.13
C PRO A 96 -6.88 -10.57 22.32
N LYS A 97 -6.24 -10.60 21.15
CA LYS A 97 -6.12 -9.44 20.29
C LYS A 97 -7.28 -9.31 19.31
N THR A 98 -8.41 -9.94 19.59
CA THR A 98 -9.56 -9.91 18.70
C THR A 98 -10.12 -8.49 18.61
N PRO A 99 -10.20 -7.91 17.42
CA PRO A 99 -10.92 -6.63 17.27
C PRO A 99 -12.42 -6.89 17.14
N LYS A 100 -13.18 -5.81 17.23
CA LYS A 100 -14.59 -5.89 16.87
C LYS A 100 -14.71 -6.06 15.37
N TYR A 101 -15.43 -7.09 14.94
CA TYR A 101 -15.47 -7.45 13.53
C TYR A 101 -16.89 -7.67 13.06
N LYS A 102 -17.09 -7.45 11.76
CA LYS A 102 -18.30 -7.84 11.06
C LYS A 102 -17.89 -8.59 9.80
N PHE A 103 -18.65 -9.63 9.46
CA PHE A 103 -18.45 -10.34 8.19
C PHE A 103 -19.36 -9.70 7.15
N VAL A 104 -18.75 -9.05 6.16
CA VAL A 104 -19.49 -8.37 5.11
C VAL A 104 -19.09 -8.95 3.76
N ARG A 105 -19.99 -8.83 2.80
CA ARG A 105 -19.74 -9.23 1.42
C ARG A 105 -19.77 -7.97 0.56
N ILE A 106 -18.62 -7.59 0.02
CA ILE A 106 -18.59 -6.44 -0.86
C ILE A 106 -19.09 -6.82 -2.25
N GLN A 107 -19.52 -5.81 -2.99
CA GLN A 107 -19.97 -5.92 -4.36
C GLN A 107 -18.93 -5.36 -5.32
N PRO A 108 -18.98 -5.71 -6.60
CA PRO A 108 -17.97 -5.24 -7.55
C PRO A 108 -17.78 -3.72 -7.50
N GLY A 109 -16.52 -3.30 -7.54
CA GLY A 109 -16.18 -1.89 -7.49
C GLY A 109 -15.70 -1.40 -6.14
N GLN A 110 -16.03 -2.11 -5.06
CA GLN A 110 -15.58 -1.73 -3.74
C GLN A 110 -14.16 -2.23 -3.50
N THR A 111 -13.45 -1.56 -2.59
CA THR A 111 -12.05 -1.85 -2.31
C THR A 111 -11.90 -2.33 -0.87
N PHE A 112 -10.68 -2.75 -0.54
CA PHE A 112 -10.33 -3.32 0.76
C PHE A 112 -8.82 -3.48 0.82
N SER A 113 -8.28 -3.53 2.04
CA SER A 113 -6.87 -3.74 2.24
C SER A 113 -6.57 -5.23 2.36
N VAL A 114 -5.52 -5.68 1.69
CA VAL A 114 -5.11 -7.08 1.69
C VAL A 114 -3.86 -7.22 2.54
N LEU A 115 -3.89 -8.16 3.48
CA LEU A 115 -2.75 -8.49 4.34
C LEU A 115 -2.21 -9.85 3.89
N ALA A 116 -1.21 -9.84 3.04
CA ALA A 116 -0.61 -11.08 2.56
C ALA A 116 0.23 -11.70 3.68
N CYS A 117 -0.01 -12.99 3.94
CA CYS A 117 0.68 -13.70 5.00
C CYS A 117 1.27 -15.00 4.46
N TYR A 118 2.36 -15.43 5.08
CA TYR A 118 3.00 -16.70 4.76
C TYR A 118 3.39 -17.39 6.04
N ASN A 119 2.95 -18.64 6.20
CA ASN A 119 3.10 -19.40 7.45
C ASN A 119 2.43 -18.70 8.62
N GLY A 120 1.31 -18.04 8.35
CA GLY A 120 0.60 -17.28 9.37
C GLY A 120 1.24 -15.97 9.74
N SER A 121 2.42 -15.65 9.18
CA SER A 121 3.09 -14.39 9.46
C SER A 121 2.76 -13.40 8.36
N PRO A 122 2.21 -12.23 8.67
CA PRO A 122 1.92 -11.25 7.61
C PRO A 122 3.20 -10.72 6.99
N SER A 123 3.13 -10.39 5.70
CA SER A 123 4.29 -9.96 4.94
C SER A 123 4.14 -8.58 4.33
N GLY A 124 2.95 -8.21 3.86
CA GLY A 124 2.78 -6.90 3.24
C GLY A 124 1.32 -6.57 3.05
N VAL A 125 1.05 -5.26 2.98
CA VAL A 125 -0.32 -4.77 2.81
C VAL A 125 -0.41 -3.96 1.52
N TYR A 126 -1.57 -4.02 0.89
CA TYR A 126 -1.85 -3.26 -0.32
C TYR A 126 -3.35 -3.23 -0.56
N GLN A 127 -3.76 -2.45 -1.55
CA GLN A 127 -5.16 -2.14 -1.81
C GLN A 127 -5.62 -2.80 -3.10
N CYS A 128 -6.74 -3.51 -3.04
CA CYS A 128 -7.32 -4.19 -4.18
C CYS A 128 -8.78 -3.78 -4.33
N ALA A 129 -9.33 -4.06 -5.50
CA ALA A 129 -10.74 -3.87 -5.77
C ALA A 129 -11.34 -5.14 -6.35
N MET A 130 -12.59 -5.41 -6.00
CA MET A 130 -13.34 -6.51 -6.59
C MET A 130 -13.74 -6.11 -7.99
N ARG A 131 -13.00 -6.59 -8.99
CA ARG A 131 -13.29 -6.25 -10.38
C ARG A 131 -14.67 -6.75 -10.78
N PRO A 132 -15.27 -6.14 -11.80
CA PRO A 132 -16.58 -6.61 -12.27
C PRO A 132 -16.63 -8.09 -12.59
N ASN A 133 -15.56 -8.65 -13.16
CA ASN A 133 -15.49 -10.09 -13.41
C ASN A 133 -15.23 -10.90 -12.16
N PHE A 134 -15.37 -10.28 -10.98
CA PHE A 134 -15.34 -10.98 -9.69
C PHE A 134 -13.97 -11.56 -9.36
N THR A 135 -12.91 -10.93 -9.83
CA THR A 135 -11.55 -11.26 -9.43
C THR A 135 -10.88 -10.02 -8.87
N ILE A 136 -9.78 -10.23 -8.16
CA ILE A 136 -8.90 -9.14 -7.76
C ILE A 136 -7.56 -9.36 -8.43
N LYS A 137 -6.80 -8.27 -8.57
CA LYS A 137 -5.47 -8.30 -9.17
C LYS A 137 -4.46 -8.06 -8.05
N GLY A 138 -4.24 -9.10 -7.24
CA GLY A 138 -3.35 -9.01 -6.11
C GLY A 138 -1.94 -9.46 -6.43
N SER A 139 -1.18 -9.75 -5.37
CA SER A 139 0.17 -10.31 -5.48
C SER A 139 0.24 -11.46 -4.47
N PHE A 140 0.08 -12.69 -4.96
CA PHE A 140 -0.04 -13.85 -4.09
C PHE A 140 0.87 -14.95 -4.61
N LEU A 141 1.64 -15.56 -3.72
CA LEU A 141 2.51 -16.67 -4.06
C LEU A 141 2.02 -17.93 -3.36
N ASN A 142 2.80 -19.01 -3.47
CA ASN A 142 2.39 -20.29 -2.90
C ASN A 142 2.45 -20.23 -1.38
N GLY A 143 1.40 -20.69 -0.72
CA GLY A 143 1.28 -20.55 0.71
C GLY A 143 0.65 -19.27 1.19
N SER A 144 0.12 -18.45 0.28
CA SER A 144 -0.56 -17.21 0.63
C SER A 144 -2.07 -17.39 0.79
N ALA A 145 -2.57 -18.61 0.62
CA ALA A 145 -3.98 -18.87 0.87
C ALA A 145 -4.29 -18.62 2.35
N GLY A 146 -5.48 -18.08 2.61
CA GLY A 146 -5.88 -17.73 3.95
C GLY A 146 -5.66 -16.27 4.31
N SER A 147 -4.87 -15.54 3.53
CA SER A 147 -4.78 -14.11 3.70
C SER A 147 -6.14 -13.47 3.49
N VAL A 148 -6.40 -12.38 4.20
CA VAL A 148 -7.73 -11.80 4.27
C VAL A 148 -7.71 -10.38 3.72
N GLY A 149 -8.85 -9.98 3.15
CA GLY A 149 -9.09 -8.60 2.78
C GLY A 149 -10.09 -8.01 3.76
N PHE A 150 -9.95 -6.71 4.04
CA PHE A 150 -10.71 -6.11 5.12
C PHE A 150 -10.86 -4.61 4.89
N ASN A 151 -11.71 -4.01 5.70
CA ASN A 151 -11.82 -2.57 5.82
C ASN A 151 -12.06 -2.21 7.28
N ILE A 152 -11.53 -1.07 7.70
CA ILE A 152 -11.67 -0.61 9.08
C ILE A 152 -12.51 0.66 9.06
N ASP A 153 -13.72 0.58 9.62
CA ASP A 153 -14.55 1.76 9.75
C ASP A 153 -13.89 2.80 10.66
N TYR A 154 -13.53 2.38 11.88
CA TYR A 154 -12.75 3.20 12.79
C TYR A 154 -12.02 2.31 13.78
N ASP A 155 -12.78 1.57 14.59
CA ASP A 155 -12.22 0.52 15.41
C ASP A 155 -12.75 -0.86 15.04
N CYS A 156 -13.59 -0.95 14.00
CA CYS A 156 -14.24 -2.19 13.60
C CYS A 156 -13.65 -2.66 12.28
N VAL A 157 -13.24 -3.93 12.24
CA VAL A 157 -12.65 -4.54 11.04
C VAL A 157 -13.73 -5.31 10.31
N SER A 158 -14.03 -4.89 9.09
CA SER A 158 -15.01 -5.58 8.24
C SER A 158 -14.25 -6.52 7.31
N PHE A 159 -14.16 -7.79 7.70
CA PHE A 159 -13.56 -8.79 6.84
C PHE A 159 -14.52 -9.14 5.71
N CYS A 160 -14.00 -9.11 4.48
CA CYS A 160 -14.84 -9.30 3.30
C CYS A 160 -14.19 -10.16 2.23
N TYR A 161 -13.03 -10.73 2.48
CA TYR A 161 -12.32 -11.52 1.47
C TYR A 161 -11.41 -12.52 2.17
N MET A 162 -11.11 -13.61 1.47
CA MET A 162 -10.17 -14.61 1.95
C MET A 162 -9.56 -15.31 0.74
N HIS A 163 -8.23 -15.25 0.62
CA HIS A 163 -7.59 -15.70 -0.59
C HIS A 163 -7.65 -17.22 -0.72
N HIS A 164 -7.82 -17.69 -1.95
CA HIS A 164 -7.89 -19.12 -2.21
C HIS A 164 -6.94 -19.55 -3.32
N MET A 165 -6.95 -18.86 -4.45
CA MET A 165 -6.31 -19.39 -5.64
C MET A 165 -6.02 -18.29 -6.65
N GLU A 166 -5.34 -18.67 -7.73
CA GLU A 166 -4.94 -17.77 -8.81
C GLU A 166 -5.31 -18.41 -10.14
N LEU A 167 -5.90 -17.61 -11.03
CA LEU A 167 -6.36 -18.10 -12.32
C LEU A 167 -5.20 -18.15 -13.32
N PRO A 168 -5.39 -18.79 -14.49
CA PRO A 168 -4.30 -18.82 -15.48
C PRO A 168 -3.85 -17.45 -15.94
N THR A 169 -4.76 -16.48 -16.04
CA THR A 169 -4.40 -15.13 -16.46
C THR A 169 -3.52 -14.41 -15.45
N GLY A 170 -3.42 -14.91 -14.23
CA GLY A 170 -2.59 -14.30 -13.21
C GLY A 170 -3.32 -13.47 -12.18
N VAL A 171 -4.65 -13.38 -12.27
CA VAL A 171 -5.43 -12.68 -11.26
C VAL A 171 -5.85 -13.71 -10.21
N HIS A 172 -6.55 -13.26 -9.19
CA HIS A 172 -6.80 -14.08 -8.01
C HIS A 172 -8.28 -14.10 -7.66
N ALA A 173 -8.70 -15.22 -7.07
CA ALA A 173 -10.09 -15.43 -6.69
C ALA A 173 -10.16 -15.88 -5.24
N GLY A 174 -11.23 -15.49 -4.55
CA GLY A 174 -11.41 -15.86 -3.18
C GLY A 174 -12.87 -15.80 -2.78
N THR A 175 -13.10 -15.98 -1.48
CA THR A 175 -14.45 -16.03 -0.92
C THR A 175 -14.63 -14.92 0.12
N ASP A 176 -15.88 -14.70 0.51
CA ASP A 176 -16.13 -13.95 1.73
C ASP A 176 -15.84 -14.84 2.93
N LEU A 177 -16.06 -14.32 4.13
CA LEU A 177 -15.79 -15.09 5.34
C LEU A 177 -16.92 -16.08 5.68
N GLU A 178 -17.87 -16.27 4.78
CA GLU A 178 -18.83 -17.36 4.88
C GLU A 178 -18.62 -18.39 3.77
N GLY A 179 -17.38 -18.50 3.28
CA GLY A 179 -17.01 -19.48 2.28
C GLY A 179 -17.57 -19.25 0.90
N ASN A 180 -18.36 -18.21 0.69
CA ASN A 180 -19.00 -17.98 -0.60
C ASN A 180 -18.03 -17.26 -1.53
N PHE A 181 -17.59 -17.94 -2.59
CA PHE A 181 -16.65 -17.40 -3.56
C PHE A 181 -17.14 -16.09 -4.16
N TYR A 182 -16.22 -15.31 -4.71
CA TYR A 182 -16.57 -14.15 -5.54
C TYR A 182 -16.42 -14.58 -6.99
N GLY A 183 -17.54 -14.87 -7.65
CA GLY A 183 -17.52 -15.26 -9.04
C GLY A 183 -17.95 -16.70 -9.27
N PRO A 184 -17.92 -17.14 -10.53
CA PRO A 184 -18.38 -18.50 -10.85
C PRO A 184 -17.30 -19.53 -10.59
N PHE A 185 -16.40 -19.25 -9.65
CA PHE A 185 -15.22 -20.04 -9.43
C PHE A 185 -15.44 -21.12 -8.37
N VAL A 186 -14.60 -22.15 -8.44
CA VAL A 186 -14.60 -23.24 -7.48
C VAL A 186 -13.15 -23.53 -7.11
N ASP A 187 -12.96 -24.17 -5.96
CA ASP A 187 -11.62 -24.46 -5.45
C ASP A 187 -11.13 -25.80 -6.00
N ARG A 188 -10.85 -25.81 -7.30
CA ARG A 188 -10.29 -26.97 -7.96
C ARG A 188 -9.32 -26.50 -9.05
N GLN A 189 -8.12 -27.07 -9.07
CA GLN A 189 -7.12 -26.73 -10.06
C GLN A 189 -7.56 -27.30 -11.41
N THR A 190 -8.50 -26.60 -12.03
CA THR A 190 -9.04 -27.03 -13.32
C THR A 190 -9.06 -25.88 -14.33
N ALA A 191 -9.63 -26.12 -15.50
CA ALA A 191 -9.68 -25.12 -16.57
C ALA A 191 -10.81 -24.14 -16.28
N GLN A 192 -10.50 -23.18 -15.42
CA GLN A 192 -11.42 -22.09 -15.11
C GLN A 192 -10.88 -20.79 -15.70
N ALA A 193 -11.79 -19.97 -16.22
CA ALA A 193 -11.41 -18.71 -16.84
C ALA A 193 -12.38 -17.62 -16.41
N ALA A 194 -11.83 -16.47 -16.03
CA ALA A 194 -12.65 -15.35 -15.57
C ALA A 194 -13.33 -14.66 -16.76
N GLY A 195 -14.50 -14.10 -16.49
CA GLY A 195 -15.20 -13.33 -17.50
C GLY A 195 -14.38 -12.12 -17.95
N THR A 196 -14.80 -11.53 -19.06
CA THR A 196 -14.09 -10.37 -19.59
C THR A 196 -14.30 -9.17 -18.67
N ASP A 197 -13.20 -8.52 -18.29
CA ASP A 197 -13.24 -7.46 -17.30
C ASP A 197 -13.63 -6.12 -17.92
N THR A 198 -14.35 -5.32 -17.14
CA THR A 198 -14.74 -3.97 -17.51
C THR A 198 -14.16 -2.98 -16.52
N THR A 199 -14.24 -1.70 -16.86
CA THR A 199 -13.68 -0.63 -16.07
C THR A 199 -14.73 -0.06 -15.11
N ILE A 200 -14.36 0.06 -13.83
CA ILE A 200 -15.27 0.59 -12.82
C ILE A 200 -15.42 2.09 -13.04
N THR A 201 -16.52 2.48 -13.69
CA THR A 201 -16.69 3.86 -14.14
C THR A 201 -16.68 4.84 -12.97
N VAL A 202 -17.47 4.58 -11.94
CA VAL A 202 -17.60 5.53 -10.83
C VAL A 202 -16.27 5.74 -10.12
N ASN A 203 -15.41 4.73 -10.13
CA ASN A 203 -14.10 4.86 -9.48
C ASN A 203 -13.13 5.70 -10.28
N VAL A 204 -13.26 5.71 -11.61
CA VAL A 204 -12.48 6.65 -12.43
C VAL A 204 -12.95 8.08 -12.19
N LEU A 205 -14.27 8.28 -12.23
CA LEU A 205 -14.83 9.61 -11.97
C LEU A 205 -14.40 10.14 -10.62
N ALA A 206 -14.54 9.32 -9.57
CA ALA A 206 -14.08 9.73 -8.24
C ALA A 206 -12.59 10.03 -8.23
N TRP A 207 -11.82 9.27 -9.02
CA TRP A 207 -10.38 9.51 -9.09
C TRP A 207 -10.06 10.77 -9.88
N LEU A 208 -10.92 11.16 -10.83
CA LEU A 208 -10.78 12.45 -11.49
C LEU A 208 -11.13 13.59 -10.55
N TYR A 209 -12.08 13.36 -9.63
CA TYR A 209 -12.34 14.35 -8.59
C TYR A 209 -11.11 14.52 -7.69
N ALA A 210 -10.45 13.40 -7.34
CA ALA A 210 -9.25 13.47 -6.51
C ALA A 210 -8.16 14.28 -7.18
N ALA A 211 -8.12 14.31 -8.51
CA ALA A 211 -7.17 15.15 -9.21
C ALA A 211 -7.55 16.63 -9.09
N VAL A 212 -8.84 16.95 -9.22
CA VAL A 212 -9.29 18.33 -9.13
C VAL A 212 -8.93 18.92 -7.76
N ILE A 213 -9.11 18.14 -6.70
CA ILE A 213 -8.76 18.62 -5.36
C ILE A 213 -7.27 18.88 -5.23
N ASN A 214 -6.45 18.29 -6.10
CA ASN A 214 -5.00 18.46 -6.06
C ASN A 214 -4.49 19.55 -7.00
N GLY A 215 -5.38 20.24 -7.70
CA GLY A 215 -4.99 21.29 -8.63
C GLY A 215 -5.01 20.86 -10.08
N ASP A 216 -4.97 19.56 -10.38
CA ASP A 216 -5.08 19.09 -11.75
C ASP A 216 -6.48 19.33 -12.29
N ARG A 217 -6.57 19.85 -13.51
CA ARG A 217 -7.86 20.24 -14.07
C ARG A 217 -7.93 20.16 -15.59
N TRP A 218 -6.83 19.82 -16.27
CA TRP A 218 -6.77 20.01 -17.72
C TRP A 218 -7.75 19.13 -18.47
N PHE A 219 -8.06 17.94 -17.95
CA PHE A 219 -8.93 17.02 -18.67
C PHE A 219 -10.37 17.52 -18.73
N LEU A 220 -10.73 18.50 -17.91
CA LEU A 220 -12.10 18.97 -17.83
C LEU A 220 -12.52 19.69 -19.12
N ASN A 221 -13.82 19.91 -19.25
CA ASN A 221 -14.40 20.45 -20.48
C ASN A 221 -15.67 21.21 -20.15
N ARG A 222 -16.19 21.92 -21.15
CA ARG A 222 -17.41 22.71 -20.98
C ARG A 222 -18.68 21.95 -21.32
N PHE A 223 -18.57 20.77 -21.93
CA PHE A 223 -19.74 20.07 -22.43
C PHE A 223 -20.59 19.52 -21.29
N THR A 224 -21.84 19.19 -21.62
CA THR A 224 -22.77 18.51 -20.74
C THR A 224 -23.21 17.21 -21.39
N THR A 225 -23.72 16.29 -20.56
CA THR A 225 -24.23 15.03 -21.07
C THR A 225 -25.29 14.49 -20.11
N THR A 226 -26.14 13.62 -20.65
CA THR A 226 -27.16 12.95 -19.85
C THR A 226 -26.60 11.63 -19.30
N LEU A 227 -27.37 11.02 -18.39
CA LEU A 227 -26.99 9.71 -17.89
C LEU A 227 -27.12 8.64 -18.98
N ASN A 228 -28.20 8.68 -19.75
CA ASN A 228 -28.41 7.68 -20.79
C ASN A 228 -27.42 7.85 -21.93
N ASP A 229 -27.14 9.09 -22.34
CA ASP A 229 -26.18 9.32 -23.41
C ASP A 229 -24.76 8.97 -22.97
N PHE A 230 -24.42 9.20 -21.70
CA PHE A 230 -23.09 8.85 -21.21
C PHE A 230 -22.90 7.34 -21.17
N ASN A 231 -23.83 6.63 -20.51
CA ASN A 231 -23.70 5.18 -20.38
C ASN A 231 -23.68 4.50 -21.73
N LEU A 232 -24.36 5.07 -22.72
CA LEU A 232 -24.27 4.57 -24.10
C LEU A 232 -22.81 4.55 -24.57
N VAL A 233 -22.15 5.71 -24.52
CA VAL A 233 -20.75 5.79 -24.96
C VAL A 233 -19.81 5.17 -23.94
N ALA A 234 -20.22 5.08 -22.67
CA ALA A 234 -19.44 4.30 -21.72
C ALA A 234 -19.43 2.84 -22.11
N MET A 235 -20.60 2.30 -22.46
CA MET A 235 -20.68 0.96 -23.04
C MET A 235 -19.79 0.83 -24.27
N LYS A 236 -19.66 1.91 -25.05
CA LYS A 236 -18.88 1.84 -26.28
C LYS A 236 -17.41 1.55 -26.02
N TYR A 237 -16.89 1.98 -24.87
CA TYR A 237 -15.48 1.81 -24.54
C TYR A 237 -15.28 0.80 -23.42
N ASN A 238 -16.16 -0.19 -23.35
CA ASN A 238 -16.12 -1.24 -22.32
C ASN A 238 -16.05 -0.64 -20.92
N TYR A 239 -16.92 0.35 -20.68
CA TYR A 239 -17.05 0.98 -19.37
C TYR A 239 -18.39 0.61 -18.77
N GLU A 240 -18.40 0.39 -17.46
CA GLU A 240 -19.61 0.00 -16.77
C GLU A 240 -20.63 1.13 -16.82
N PRO A 241 -21.92 0.80 -16.86
CA PRO A 241 -22.95 1.85 -16.80
C PRO A 241 -23.00 2.48 -15.41
N LEU A 242 -23.23 3.79 -15.39
CA LEU A 242 -23.31 4.55 -14.15
C LEU A 242 -24.76 4.57 -13.68
N THR A 243 -25.03 3.92 -12.55
CA THR A 243 -26.39 3.89 -12.03
C THR A 243 -26.69 5.17 -11.25
N GLN A 244 -27.91 5.26 -10.72
CA GLN A 244 -28.29 6.44 -9.93
C GLN A 244 -27.60 6.43 -8.57
N ASP A 245 -27.51 5.26 -7.93
CA ASP A 245 -26.84 5.17 -6.64
C ASP A 245 -25.39 5.66 -6.73
N HIS A 246 -24.68 5.25 -7.78
CA HIS A 246 -23.30 5.67 -7.96
C HIS A 246 -23.19 7.18 -8.09
N VAL A 247 -24.11 7.80 -8.84
CA VAL A 247 -24.14 9.25 -8.95
C VAL A 247 -24.39 9.87 -7.58
N ASP A 248 -25.26 9.24 -6.77
CA ASP A 248 -25.57 9.76 -5.45
C ASP A 248 -24.34 9.79 -4.55
N ILE A 249 -23.62 8.67 -4.48
CA ILE A 249 -22.43 8.62 -3.64
C ILE A 249 -21.31 9.49 -4.18
N LEU A 250 -21.36 9.88 -5.45
CA LEU A 250 -20.44 10.87 -5.98
C LEU A 250 -20.80 12.29 -5.56
N GLY A 251 -21.91 12.46 -4.84
CA GLY A 251 -22.40 13.76 -4.43
C GLY A 251 -21.40 14.60 -3.66
N PRO A 252 -20.97 14.12 -2.49
CA PRO A 252 -19.99 14.89 -1.71
C PRO A 252 -18.71 15.19 -2.46
N LEU A 253 -18.36 14.40 -3.48
CA LEU A 253 -17.23 14.74 -4.34
C LEU A 253 -17.59 15.84 -5.31
N SER A 254 -18.85 15.89 -5.77
CA SER A 254 -19.30 16.99 -6.62
C SER A 254 -19.42 18.29 -5.82
N ALA A 255 -19.91 18.19 -4.59
CA ALA A 255 -20.20 19.39 -3.80
C ALA A 255 -18.93 20.19 -3.54
N GLN A 256 -17.87 19.53 -3.08
CA GLN A 256 -16.65 20.25 -2.72
C GLN A 256 -15.97 20.89 -3.92
N THR A 257 -16.18 20.35 -5.13
CA THR A 257 -15.56 20.88 -6.33
C THR A 257 -16.52 21.67 -7.21
N GLY A 258 -17.82 21.59 -6.98
CA GLY A 258 -18.79 22.30 -7.78
C GLY A 258 -19.02 21.68 -9.14
N ILE A 259 -18.03 20.92 -9.63
CA ILE A 259 -18.19 20.21 -10.89
C ILE A 259 -19.27 19.15 -10.72
N ALA A 260 -20.36 19.29 -11.45
CA ALA A 260 -21.47 18.36 -11.33
C ALA A 260 -21.07 16.99 -11.88
N VAL A 261 -21.76 15.96 -11.38
CA VAL A 261 -21.42 14.57 -11.71
C VAL A 261 -21.49 14.36 -13.23
N LEU A 262 -22.63 14.74 -13.84
CA LEU A 262 -22.79 14.53 -15.27
C LEU A 262 -21.82 15.38 -16.08
N ASP A 263 -21.35 16.50 -15.53
CA ASP A 263 -20.38 17.33 -16.24
C ASP A 263 -18.99 16.69 -16.22
N MET A 264 -18.60 16.11 -15.09
CA MET A 264 -17.37 15.33 -15.07
C MET A 264 -17.51 14.07 -15.91
N CYS A 265 -18.74 13.53 -16.02
CA CYS A 265 -19.01 12.47 -16.97
C CYS A 265 -18.73 12.92 -18.40
N ALA A 266 -18.94 14.21 -18.68
CA ALA A 266 -18.58 14.75 -19.98
C ALA A 266 -17.08 14.90 -20.13
N SER A 267 -16.36 15.13 -19.04
CA SER A 267 -14.90 15.09 -19.09
C SER A 267 -14.41 13.70 -19.45
N LEU A 268 -15.03 12.67 -18.87
CA LEU A 268 -14.65 11.30 -19.19
C LEU A 268 -14.98 10.95 -20.63
N LYS A 269 -16.11 11.45 -21.15
CA LYS A 269 -16.47 11.20 -22.54
C LYS A 269 -15.40 11.72 -23.49
N GLU A 270 -14.81 12.88 -23.18
CA GLU A 270 -13.79 13.45 -24.05
C GLU A 270 -12.49 12.68 -23.95
N LEU A 271 -12.15 12.18 -22.76
CA LEU A 271 -10.91 11.43 -22.59
C LEU A 271 -10.99 10.05 -23.23
N LEU A 272 -12.18 9.44 -23.24
CA LEU A 272 -12.33 8.13 -23.86
C LEU A 272 -12.13 8.20 -25.37
N GLN A 273 -12.64 9.26 -26.00
CA GLN A 273 -12.65 9.34 -27.45
C GLN A 273 -11.35 9.90 -28.01
N ASN A 274 -10.63 10.70 -27.23
CA ASN A 274 -9.41 11.35 -27.69
C ASN A 274 -8.14 10.72 -27.11
N GLY A 275 -8.12 10.44 -25.81
CA GLY A 275 -6.91 10.02 -25.14
C GLY A 275 -6.31 11.16 -24.33
N MET A 276 -5.22 10.84 -23.64
CA MET A 276 -4.57 11.80 -22.77
C MET A 276 -3.51 12.62 -23.50
N ASN A 277 -3.14 12.24 -24.72
CA ASN A 277 -2.20 13.00 -25.56
C ASN A 277 -0.89 13.27 -24.82
N GLY A 278 -0.35 12.23 -24.19
CA GLY A 278 0.96 12.30 -23.58
C GLY A 278 1.04 13.03 -22.26
N ARG A 279 -0.09 13.35 -21.64
CA ARG A 279 -0.11 13.96 -20.32
C ARG A 279 -0.51 12.93 -19.27
N THR A 280 -0.28 13.26 -18.01
CA THR A 280 -0.50 12.34 -16.90
C THR A 280 -1.37 12.99 -15.84
N ILE A 281 -2.33 12.22 -15.33
CA ILE A 281 -3.22 12.65 -14.26
C ILE A 281 -2.74 12.03 -12.97
N LEU A 282 -2.39 12.87 -11.99
CA LEU A 282 -1.83 12.41 -10.71
C LEU A 282 -0.61 11.51 -10.94
N GLY A 283 0.12 11.76 -12.03
CA GLY A 283 1.25 10.92 -12.38
C GLY A 283 0.88 9.59 -12.98
N SER A 284 -0.15 9.55 -13.83
CA SER A 284 -0.62 8.30 -14.42
C SER A 284 -1.07 8.55 -15.85
N ALA A 285 -0.60 7.71 -16.77
CA ALA A 285 -0.88 7.86 -18.20
C ALA A 285 -2.15 7.14 -18.63
N LEU A 286 -2.84 6.45 -17.73
CA LEU A 286 -4.10 5.80 -18.04
C LEU A 286 -5.04 5.94 -16.85
N LEU A 287 -6.34 5.93 -17.13
CA LEU A 287 -7.34 6.18 -16.10
C LEU A 287 -7.36 5.03 -15.09
N GLU A 288 -7.38 5.39 -13.80
CA GLU A 288 -7.34 4.44 -12.71
C GLU A 288 -8.73 4.28 -12.11
N ASP A 289 -9.16 3.02 -11.96
CA ASP A 289 -10.52 2.73 -11.52
C ASP A 289 -10.57 1.88 -10.25
N GLU A 290 -9.52 1.93 -9.42
CA GLU A 290 -9.46 1.15 -8.21
C GLU A 290 -9.54 2.03 -6.95
N PHE A 291 -9.96 3.28 -7.10
CA PHE A 291 -10.07 4.24 -6.00
C PHE A 291 -11.52 4.68 -5.91
N THR A 292 -12.22 4.20 -4.89
CA THR A 292 -13.64 4.49 -4.75
C THR A 292 -13.87 5.96 -4.41
N PRO A 293 -15.10 6.45 -4.55
CA PRO A 293 -15.44 7.76 -3.98
C PRO A 293 -15.15 7.86 -2.50
N PHE A 294 -15.32 6.76 -1.75
CA PHE A 294 -14.95 6.76 -0.34
C PHE A 294 -13.45 7.00 -0.16
N ASP A 295 -12.63 6.23 -0.89
CA ASP A 295 -11.18 6.30 -0.75
C ASP A 295 -10.65 7.71 -1.01
N VAL A 296 -11.39 8.53 -1.75
CA VAL A 296 -10.96 9.90 -2.04
C VAL A 296 -11.31 10.84 -0.89
N VAL A 297 -12.50 10.72 -0.31
CA VAL A 297 -12.85 11.51 0.87
C VAL A 297 -11.93 11.17 2.03
N ARG A 298 -11.58 9.89 2.16
CA ARG A 298 -10.68 9.42 3.21
C ARG A 298 -9.30 10.03 3.14
N GLN A 299 -8.97 10.71 2.06
CA GLN A 299 -7.60 11.17 1.83
C GLN A 299 -7.51 12.63 1.42
N CYS A 300 -8.42 13.11 0.58
CA CYS A 300 -8.34 14.46 0.03
C CYS A 300 -9.20 15.46 0.80
N SER A 301 -10.45 15.15 1.05
CA SER A 301 -11.28 16.05 1.84
C SER A 301 -10.85 16.04 3.30
N GLY A 302 -11.35 17.02 4.05
CA GLY A 302 -11.05 17.15 5.46
C GLY A 302 -9.71 17.81 5.73
N SER B 1 1.26 -15.04 -8.24
CA SER B 1 1.93 -14.08 -9.11
C SER B 1 1.26 -12.71 -9.02
N GLY B 2 1.41 -11.91 -10.07
CA GLY B 2 1.03 -10.52 -10.01
C GLY B 2 2.08 -9.66 -9.32
N PHE B 3 2.03 -8.36 -9.59
CA PHE B 3 2.94 -7.43 -8.95
C PHE B 3 2.17 -6.20 -8.51
N ARG B 4 2.33 -5.83 -7.23
CA ARG B 4 1.60 -4.72 -6.64
C ARG B 4 2.56 -3.84 -5.85
N LYS B 5 2.27 -2.55 -5.81
CA LYS B 5 2.94 -1.66 -4.87
C LYS B 5 2.47 -2.01 -3.47
N MET B 6 3.41 -2.39 -2.60
CA MET B 6 3.06 -3.03 -1.35
C MET B 6 3.92 -2.47 -0.21
N ALA B 7 3.28 -2.21 0.92
CA ALA B 7 3.94 -1.65 2.09
C ALA B 7 4.19 -2.75 3.13
N PHE B 8 4.86 -2.37 4.21
CA PHE B 8 5.10 -3.29 5.31
C PHE B 8 3.92 -3.28 6.28
N PRO B 9 3.62 -4.41 6.91
CA PRO B 9 2.59 -4.43 7.95
C PRO B 9 2.96 -3.47 9.08
N SER B 10 2.11 -2.48 9.30
CA SER B 10 2.39 -1.38 10.21
C SER B 10 2.02 -1.71 11.66
N GLY B 11 1.89 -3.00 12.00
CA GLY B 11 1.44 -3.35 13.35
C GLY B 11 2.41 -2.89 14.42
N LYS B 12 3.70 -3.20 14.24
CA LYS B 12 4.70 -2.85 15.25
C LYS B 12 4.89 -1.35 15.37
N VAL B 13 4.58 -0.59 14.32
CA VAL B 13 4.69 0.87 14.38
C VAL B 13 3.41 1.50 14.92
N GLU B 14 2.25 0.85 14.74
CA GLU B 14 0.99 1.40 15.24
C GLU B 14 1.01 1.60 16.74
N GLY B 15 1.77 0.78 17.47
CA GLY B 15 1.89 0.94 18.90
C GLY B 15 2.91 1.96 19.35
N CYS B 16 3.45 2.76 18.43
CA CYS B 16 4.48 3.73 18.75
C CYS B 16 4.07 5.16 18.45
N MET B 17 2.85 5.40 17.98
CA MET B 17 2.42 6.75 17.62
C MET B 17 1.68 7.39 18.77
N VAL B 18 2.04 8.64 19.07
CA VAL B 18 1.44 9.42 20.14
C VAL B 18 1.19 10.83 19.63
N GLN B 19 0.37 11.56 20.37
CA GLN B 19 0.04 12.95 20.06
C GLN B 19 0.92 13.86 20.90
N VAL B 20 1.38 14.95 20.30
CA VAL B 20 2.26 15.92 20.95
C VAL B 20 1.71 17.31 20.72
N THR B 21 1.55 18.09 21.81
CA THR B 21 0.97 19.42 21.73
C THR B 21 1.75 20.37 22.62
N CYS B 22 2.37 21.39 22.01
CA CYS B 22 2.97 22.51 22.72
C CYS B 22 2.15 23.75 22.41
N GLY B 23 1.44 24.27 23.41
CA GLY B 23 0.49 25.35 23.19
C GLY B 23 -0.78 24.83 22.56
N THR B 24 -1.06 25.26 21.32
CA THR B 24 -2.17 24.71 20.55
C THR B 24 -1.71 24.02 19.27
N THR B 25 -0.41 23.99 19.01
CA THR B 25 0.12 23.28 17.85
C THR B 25 0.20 21.79 18.14
N THR B 26 -0.34 20.98 17.24
CA THR B 26 -0.47 19.55 17.46
C THR B 26 0.11 18.77 16.30
N LEU B 27 0.77 17.66 16.61
CA LEU B 27 1.31 16.76 15.61
C LEU B 27 1.52 15.39 16.25
N ASN B 28 2.38 14.56 15.65
CA ASN B 28 2.60 13.20 16.10
C ASN B 28 4.02 13.02 16.62
N GLY B 29 4.17 12.10 17.58
CA GLY B 29 5.47 11.71 18.07
C GLY B 29 5.65 10.21 17.99
N LEU B 30 6.91 9.79 18.05
CA LEU B 30 7.29 8.38 17.98
C LEU B 30 7.73 7.92 19.37
N TRP B 31 6.92 7.08 20.01
CA TRP B 31 7.18 6.63 21.37
C TRP B 31 7.99 5.34 21.33
N LEU B 32 9.26 5.42 21.72
CA LEU B 32 10.16 4.27 21.76
C LEU B 32 10.86 4.26 23.12
N ASP B 33 10.66 3.18 23.87
CA ASP B 33 11.13 3.06 25.25
C ASP B 33 10.58 4.25 26.02
N ASP B 34 11.40 5.02 26.74
CA ASP B 34 10.94 6.18 27.50
C ASP B 34 11.21 7.49 26.75
N VAL B 35 11.26 7.46 25.42
CA VAL B 35 11.57 8.63 24.61
C VAL B 35 10.49 8.82 23.56
N VAL B 36 10.08 10.07 23.36
CA VAL B 36 9.20 10.46 22.27
C VAL B 36 9.98 11.35 21.32
N TYR B 37 9.91 11.04 20.02
CA TYR B 37 10.58 11.82 19.00
C TYR B 37 9.55 12.47 18.09
N CYS B 38 9.81 13.71 17.69
CA CYS B 38 8.86 14.50 16.91
C CYS B 38 9.60 15.67 16.29
N PRO B 39 9.00 16.33 15.28
CA PRO B 39 9.63 17.53 14.73
C PRO B 39 9.75 18.64 15.75
N ARG B 40 10.71 19.54 15.51
CA ARG B 40 10.96 20.66 16.42
C ARG B 40 10.01 21.83 16.19
N HIS B 41 9.38 21.92 15.01
CA HIS B 41 8.48 23.05 14.73
C HIS B 41 7.15 22.94 15.47
N VAL B 42 7.06 22.04 16.44
CA VAL B 42 5.89 21.96 17.31
C VAL B 42 5.89 23.07 18.36
N ILE B 43 7.04 23.70 18.61
CA ILE B 43 7.16 24.75 19.62
C ILE B 43 6.93 26.10 18.97
N CYS B 44 6.49 26.11 17.72
CA CYS B 44 6.25 27.33 16.97
C CYS B 44 4.77 27.68 17.00
N THR B 45 4.47 28.98 17.11
CA THR B 45 3.10 29.42 17.00
C THR B 45 2.73 29.61 15.53
N SER B 46 1.49 30.03 15.29
CA SER B 46 1.06 30.30 13.92
C SER B 46 1.84 31.44 13.27
N GLU B 47 2.59 32.21 14.06
CA GLU B 47 3.26 33.42 13.59
C GLU B 47 4.74 33.22 13.30
N ASP B 48 5.48 32.59 14.22
CA ASP B 48 6.92 32.35 14.03
C ASP B 48 7.10 31.27 12.98
N MET B 49 6.96 31.65 11.71
CA MET B 49 7.01 30.67 10.63
C MET B 49 7.98 31.07 9.52
N LEU B 50 8.15 32.37 9.29
CA LEU B 50 9.12 32.85 8.31
C LEU B 50 10.52 32.37 8.68
N ASN B 51 11.11 32.98 9.71
CA ASN B 51 12.44 32.63 10.19
C ASN B 51 12.34 32.37 11.69
N PRO B 52 12.00 31.15 12.09
CA PRO B 52 11.86 30.84 13.52
C PRO B 52 13.17 30.45 14.16
N ASN B 53 13.38 30.95 15.38
CA ASN B 53 14.57 30.68 16.17
C ASN B 53 14.23 29.54 17.12
N TYR B 54 14.36 28.30 16.62
CA TYR B 54 14.01 27.13 17.41
C TYR B 54 14.82 27.04 18.70
N GLU B 55 16.06 27.51 18.68
CA GLU B 55 16.84 27.57 19.90
C GLU B 55 16.22 28.55 20.89
N ASP B 56 16.00 29.80 20.46
CA ASP B 56 15.39 30.81 21.32
C ASP B 56 13.94 30.49 21.65
N LEU B 57 13.26 29.71 20.82
CA LEU B 57 11.87 29.34 21.08
C LEU B 57 11.76 28.17 22.07
N LEU B 58 12.83 27.42 22.28
CA LEU B 58 12.81 26.27 23.16
C LEU B 58 13.29 26.57 24.57
N ILE B 59 14.15 27.57 24.73
CA ILE B 59 14.61 27.98 26.06
C ILE B 59 13.43 28.41 26.92
N ARG B 60 12.43 29.06 26.33
CA ARG B 60 11.25 29.49 27.08
C ARG B 60 10.34 28.35 27.46
N LYS B 61 10.57 27.14 26.93
CA LYS B 61 9.70 26.00 27.20
C LYS B 61 10.21 25.19 28.38
N SER B 62 9.27 24.58 29.11
CA SER B 62 9.56 23.66 30.18
C SER B 62 8.88 22.32 29.89
N ASN B 63 9.09 21.36 30.78
CA ASN B 63 8.57 20.01 30.56
C ASN B 63 7.05 19.99 30.47
N HIS B 64 6.38 20.76 31.33
CA HIS B 64 4.93 20.83 31.32
C HIS B 64 4.38 21.72 30.21
N ASN B 65 5.19 22.08 29.22
CA ASN B 65 4.72 22.74 28.02
C ASN B 65 4.45 21.76 26.88
N PHE B 66 4.84 20.50 27.04
CA PHE B 66 4.62 19.46 26.04
C PHE B 66 3.56 18.49 26.57
N LEU B 67 2.38 18.53 25.95
CA LEU B 67 1.33 17.56 26.25
C LEU B 67 1.51 16.37 25.31
N VAL B 68 2.13 15.30 25.82
CA VAL B 68 2.28 14.05 25.07
C VAL B 68 1.13 13.13 25.48
N GLN B 69 0.42 12.61 24.48
CA GLN B 69 -0.81 11.85 24.70
C GLN B 69 -0.74 10.55 23.91
N ALA B 70 -0.83 9.42 24.60
CA ALA B 70 -0.88 8.09 23.99
C ALA B 70 -2.29 7.56 24.16
N GLY B 71 -3.12 7.74 23.13
CA GLY B 71 -4.52 7.40 23.28
C GLY B 71 -5.17 8.32 24.30
N ASN B 72 -5.93 7.72 25.23
CA ASN B 72 -6.56 8.48 26.30
C ASN B 72 -5.71 8.51 27.56
N VAL B 73 -4.38 8.54 27.43
CA VAL B 73 -3.45 8.58 28.56
C VAL B 73 -2.33 9.56 28.23
N GLN B 74 -2.12 10.53 29.11
CA GLN B 74 -1.06 11.51 28.91
C GLN B 74 0.20 11.08 29.64
N LEU B 75 1.35 11.32 28.99
CA LEU B 75 2.65 10.92 29.53
C LEU B 75 3.35 12.14 30.10
N ARG B 76 3.67 12.08 31.40
CA ARG B 76 4.40 13.15 32.06
C ARG B 76 5.79 13.28 31.45
N VAL B 77 6.12 14.48 30.97
CA VAL B 77 7.44 14.76 30.41
C VAL B 77 8.37 15.13 31.55
N ILE B 78 9.52 14.46 31.63
CA ILE B 78 10.52 14.74 32.65
C ILE B 78 11.79 15.35 32.08
N GLY B 79 11.93 15.41 30.76
CA GLY B 79 13.09 16.01 30.14
C GLY B 79 12.91 16.18 28.65
N HIS B 80 13.45 17.24 28.08
CA HIS B 80 13.37 17.48 26.66
C HIS B 80 14.72 17.96 26.15
N SER B 81 15.02 17.64 24.91
CA SER B 81 16.27 18.06 24.28
C SER B 81 16.06 18.10 22.77
N MET B 82 16.73 19.06 22.14
CA MET B 82 16.67 19.21 20.69
C MET B 82 17.91 18.59 20.05
N GLN B 83 17.71 17.95 18.90
CA GLN B 83 18.81 17.32 18.17
C GLN B 83 18.51 17.46 16.69
N ASN B 84 19.22 18.37 16.03
CA ASN B 84 18.95 18.74 14.63
C ASN B 84 17.50 19.23 14.58
N CYS B 85 16.69 18.78 13.62
CA CYS B 85 15.34 19.33 13.44
C CYS B 85 14.27 18.56 14.21
N VAL B 86 14.64 17.62 15.07
CA VAL B 86 13.67 16.86 15.85
C VAL B 86 13.84 17.18 17.33
N LEU B 87 12.76 16.99 18.07
CA LEU B 87 12.77 17.10 19.53
C LEU B 87 12.58 15.71 20.12
N LYS B 88 13.39 15.38 21.13
CA LYS B 88 13.27 14.14 21.88
C LYS B 88 12.80 14.47 23.28
N LEU B 89 11.66 13.89 23.67
CA LEU B 89 11.02 14.18 24.95
C LEU B 89 11.04 12.92 25.80
N LYS B 90 11.79 12.96 26.90
CA LYS B 90 11.79 11.85 27.84
C LYS B 90 10.50 11.84 28.65
N VAL B 91 10.00 10.63 28.92
CA VAL B 91 8.73 10.45 29.62
C VAL B 91 8.92 9.48 30.77
N ASP B 92 8.02 9.57 31.75
CA ASP B 92 8.12 8.76 32.96
C ASP B 92 7.79 7.30 32.73
N THR B 93 7.20 6.96 31.59
CA THR B 93 6.76 5.58 31.31
C THR B 93 7.39 5.11 30.01
N ALA B 94 8.05 3.95 30.07
CA ALA B 94 8.56 3.31 28.86
C ALA B 94 7.42 2.63 28.12
N ASN B 95 7.43 2.77 26.80
CA ASN B 95 6.36 2.24 25.95
C ASN B 95 6.32 0.71 26.04
N PRO B 96 5.23 0.12 26.53
CA PRO B 96 5.14 -1.35 26.56
C PRO B 96 5.03 -1.99 25.18
N LYS B 97 4.80 -1.20 24.13
CA LYS B 97 4.66 -1.74 22.77
C LYS B 97 5.88 -1.46 21.91
N THR B 98 7.04 -1.25 22.51
CA THR B 98 8.24 -0.94 21.74
C THR B 98 8.81 -2.21 21.13
N PRO B 99 9.00 -2.27 19.81
CA PRO B 99 9.65 -3.44 19.21
C PRO B 99 11.14 -3.20 18.97
N LYS B 100 11.84 -4.21 18.45
CA LYS B 100 13.24 -4.02 18.10
C LYS B 100 13.36 -3.03 16.96
N TYR B 101 14.25 -2.05 17.08
CA TYR B 101 14.32 -0.97 16.11
C TYR B 101 15.73 -0.43 15.98
N LYS B 102 16.04 0.08 14.77
CA LYS B 102 17.26 0.81 14.49
C LYS B 102 16.88 2.15 13.86
N PHE B 103 17.80 3.11 13.96
CA PHE B 103 17.67 4.42 13.34
C PHE B 103 18.61 4.47 12.14
N VAL B 104 18.08 4.21 10.95
CA VAL B 104 18.89 4.18 9.74
C VAL B 104 18.62 5.42 8.90
N ARG B 105 19.58 5.73 8.03
CA ARG B 105 19.47 6.80 7.04
C ARG B 105 19.55 6.16 5.67
N ILE B 106 18.49 6.33 4.88
CA ILE B 106 18.40 5.66 3.58
C ILE B 106 19.07 6.51 2.52
N GLN B 107 19.39 5.86 1.40
CA GLN B 107 19.97 6.47 0.22
C GLN B 107 18.90 6.80 -0.80
N PRO B 108 19.20 7.66 -1.77
CA PRO B 108 18.22 7.91 -2.84
C PRO B 108 17.98 6.66 -3.68
N GLY B 109 16.71 6.28 -3.81
CA GLY B 109 16.31 5.11 -4.55
C GLY B 109 15.77 3.99 -3.70
N GLN B 110 16.03 4.01 -2.39
CA GLN B 110 15.55 2.99 -1.48
C GLN B 110 14.14 3.31 -1.01
N THR B 111 13.39 2.26 -0.71
CA THR B 111 11.97 2.39 -0.38
C THR B 111 11.74 2.21 1.12
N PHE B 112 10.58 2.68 1.55
CA PHE B 112 10.15 2.63 2.94
C PHE B 112 8.65 2.89 2.98
N SER B 113 8.00 2.32 3.98
CA SER B 113 6.54 2.38 4.10
C SER B 113 6.15 3.45 5.11
N VAL B 114 5.34 4.41 4.68
CA VAL B 114 4.91 5.52 5.51
C VAL B 114 3.57 5.17 6.15
N LEU B 115 3.47 5.34 7.46
CA LEU B 115 2.20 5.21 8.18
C LEU B 115 1.75 6.63 8.54
N ALA B 116 0.80 7.15 7.77
CA ALA B 116 0.36 8.53 7.95
C ALA B 116 -0.65 8.60 9.09
N CYS B 117 -0.39 9.44 10.08
CA CYS B 117 -1.29 9.64 11.19
C CYS B 117 -1.72 11.09 11.26
N TYR B 118 -2.78 11.33 12.04
CA TYR B 118 -3.21 12.67 12.41
C TYR B 118 -3.66 12.62 13.86
N ASN B 119 -3.02 13.42 14.73
CA ASN B 119 -3.31 13.46 16.16
C ASN B 119 -2.98 12.13 16.84
N GLY B 120 -1.85 11.53 16.44
CA GLY B 120 -1.38 10.31 17.08
C GLY B 120 -2.15 9.05 16.74
N SER B 121 -3.11 9.12 15.84
CA SER B 121 -3.94 7.97 15.48
C SER B 121 -3.64 7.57 14.04
N PRO B 122 -3.15 6.35 13.80
CA PRO B 122 -2.77 5.97 12.44
C PRO B 122 -3.96 5.98 11.49
N SER B 123 -3.74 6.56 10.31
CA SER B 123 -4.76 6.72 9.28
C SER B 123 -4.61 5.76 8.11
N GLY B 124 -3.38 5.44 7.72
CA GLY B 124 -3.16 4.54 6.61
C GLY B 124 -1.68 4.41 6.34
N VAL B 125 -1.36 3.51 5.41
CA VAL B 125 0.02 3.15 5.13
C VAL B 125 0.21 2.99 3.62
N TYR B 126 1.31 3.54 3.11
CA TYR B 126 1.65 3.40 1.71
C TYR B 126 3.17 3.35 1.56
N GLN B 127 3.63 2.82 0.43
CA GLN B 127 5.05 2.70 0.13
C GLN B 127 5.52 3.90 -0.66
N CYS B 128 6.71 4.38 -0.33
CA CYS B 128 7.31 5.52 -1.03
C CYS B 128 8.79 5.25 -1.25
N ALA B 129 9.35 5.96 -2.23
CA ALA B 129 10.77 5.90 -2.52
C ALA B 129 11.40 7.27 -2.35
N MET B 130 12.66 7.28 -1.92
CA MET B 130 13.40 8.52 -1.76
C MET B 130 13.90 8.97 -3.13
N ARG B 131 13.28 10.03 -3.66
CA ARG B 131 13.63 10.54 -4.97
C ARG B 131 15.08 11.06 -4.97
N PRO B 132 15.73 11.07 -6.14
CA PRO B 132 17.11 11.58 -6.20
C PRO B 132 17.28 12.97 -5.61
N ASN B 133 16.30 13.84 -5.74
CA ASN B 133 16.34 15.15 -5.07
C ASN B 133 15.94 15.06 -3.60
N PHE B 134 15.90 13.84 -3.05
CA PHE B 134 15.76 13.59 -1.61
C PHE B 134 14.41 14.03 -1.07
N THR B 135 13.39 14.05 -1.91
CA THR B 135 12.01 14.22 -1.48
C THR B 135 11.25 12.92 -1.68
N ILE B 136 10.03 12.89 -1.17
CA ILE B 136 9.12 11.79 -1.46
C ILE B 136 7.82 12.37 -2.00
N LYS B 137 7.07 11.52 -2.68
CA LYS B 137 5.75 11.86 -3.19
C LYS B 137 4.76 10.99 -2.40
N GLY B 138 4.40 11.47 -1.22
CA GLY B 138 3.40 10.82 -0.38
C GLY B 138 2.06 11.48 -0.49
N SER B 139 1.35 11.57 0.65
CA SER B 139 0.05 12.24 0.69
C SER B 139 -0.18 12.68 2.13
N PHE B 140 0.10 13.96 2.40
CA PHE B 140 0.06 14.49 3.76
C PHE B 140 -0.80 15.75 3.79
N LEU B 141 -1.68 15.83 4.79
CA LEU B 141 -2.41 17.04 5.11
C LEU B 141 -1.91 17.58 6.44
N ASN B 142 -2.50 18.69 6.88
CA ASN B 142 -2.08 19.31 8.13
C ASN B 142 -2.24 18.33 9.29
N GLY B 143 -1.28 18.37 10.20
CA GLY B 143 -1.24 17.42 11.29
C GLY B 143 -0.52 16.12 10.98
N SER B 144 0.11 16.02 9.81
CA SER B 144 0.86 14.84 9.42
C SER B 144 2.30 14.86 9.89
N ALA B 145 2.86 16.03 10.18
CA ALA B 145 4.22 16.14 10.68
C ALA B 145 4.40 15.30 11.93
N GLY B 146 5.37 14.39 11.90
CA GLY B 146 5.55 13.39 12.93
C GLY B 146 5.33 11.98 12.45
N SER B 147 4.68 11.79 11.30
CA SER B 147 4.55 10.46 10.71
C SER B 147 5.92 9.92 10.35
N VAL B 148 6.07 8.60 10.44
CA VAL B 148 7.36 7.97 10.25
C VAL B 148 7.32 7.05 9.04
N GLY B 149 8.47 6.95 8.36
CA GLY B 149 8.67 5.99 7.29
C GLY B 149 9.70 4.96 7.74
N PHE B 150 9.40 3.68 7.49
CA PHE B 150 10.18 2.61 8.10
C PHE B 150 10.29 1.43 7.15
N ASN B 151 11.26 0.57 7.43
CA ASN B 151 11.39 -0.73 6.80
C ASN B 151 11.50 -1.78 7.89
N ILE B 152 10.86 -2.92 7.68
CA ILE B 152 10.83 -4.02 8.63
C ILE B 152 11.62 -5.18 8.06
N ASP B 153 12.72 -5.53 8.72
CA ASP B 153 13.45 -6.75 8.44
C ASP B 153 13.33 -7.65 9.65
N TYR B 154 12.84 -8.88 9.43
CA TYR B 154 12.72 -9.88 10.48
C TYR B 154 11.70 -9.41 11.52
N ASP B 155 12.13 -9.13 12.75
CA ASP B 155 11.26 -8.55 13.76
C ASP B 155 11.72 -7.16 14.17
N CYS B 156 12.58 -6.53 13.38
CA CYS B 156 13.17 -5.24 13.70
C CYS B 156 12.63 -4.19 12.74
N VAL B 157 12.24 -3.03 13.28
CA VAL B 157 11.72 -1.92 12.50
C VAL B 157 12.84 -0.89 12.36
N SER B 158 13.39 -0.76 11.15
CA SER B 158 14.43 0.24 10.88
C SER B 158 13.76 1.56 10.53
N PHE B 159 13.58 2.43 11.52
CA PHE B 159 13.05 3.76 11.26
C PHE B 159 14.05 4.56 10.45
N CYS B 160 13.57 5.16 9.36
CA CYS B 160 14.43 5.83 8.40
C CYS B 160 13.97 7.21 7.98
N TYR B 161 12.75 7.61 8.33
CA TYR B 161 12.20 8.88 7.87
C TYR B 161 11.16 9.36 8.87
N MET B 162 11.05 10.68 8.99
CA MET B 162 9.96 11.31 9.73
C MET B 162 9.51 12.53 8.95
N HIS B 163 8.20 12.68 8.77
CA HIS B 163 7.67 13.71 7.90
C HIS B 163 7.69 15.07 8.59
N HIS B 164 7.85 16.12 7.79
CA HIS B 164 7.99 17.47 8.33
C HIS B 164 7.18 18.52 7.58
N MET B 165 7.31 18.59 6.25
CA MET B 165 6.68 19.68 5.51
C MET B 165 6.38 19.25 4.08
N GLU B 166 5.76 20.18 3.34
CA GLU B 166 5.38 20.00 1.94
C GLU B 166 5.85 21.19 1.13
N LEU B 167 6.47 20.91 -0.01
CA LEU B 167 7.01 21.96 -0.87
C LEU B 167 5.90 22.60 -1.69
N PRO B 168 6.17 23.76 -2.32
CA PRO B 168 5.18 24.33 -3.24
C PRO B 168 4.85 23.41 -4.40
N THR B 169 5.83 22.62 -4.88
CA THR B 169 5.56 21.67 -5.94
C THR B 169 4.56 20.59 -5.54
N GLY B 170 4.43 20.33 -4.23
CA GLY B 170 3.53 19.31 -3.74
C GLY B 170 4.22 18.05 -3.27
N VAL B 171 5.52 17.91 -3.51
CA VAL B 171 6.28 16.76 -3.01
C VAL B 171 6.49 16.96 -1.52
N HIS B 172 6.92 15.91 -0.83
CA HIS B 172 7.00 15.91 0.63
C HIS B 172 8.44 15.73 1.08
N ALA B 173 8.81 16.45 2.13
CA ALA B 173 10.17 16.45 2.65
C ALA B 173 10.15 16.22 4.16
N GLY B 174 11.31 15.86 4.68
CA GLY B 174 11.43 15.59 6.10
C GLY B 174 12.85 15.23 6.46
N THR B 175 13.01 14.59 7.59
CA THR B 175 14.31 14.27 8.18
C THR B 175 14.46 12.76 8.35
N ASP B 176 15.62 12.36 8.86
CA ASP B 176 15.75 11.03 9.42
C ASP B 176 15.35 11.09 10.89
N LEU B 177 15.61 10.03 11.65
CA LEU B 177 15.20 10.01 13.04
C LEU B 177 16.20 10.70 13.97
N GLU B 178 17.27 11.26 13.42
CA GLU B 178 18.16 12.12 14.18
C GLU B 178 18.05 13.58 13.77
N GLY B 179 16.99 13.94 13.04
CA GLY B 179 16.71 15.32 12.70
C GLY B 179 17.36 15.85 11.44
N ASN B 180 18.37 15.16 10.92
CA ASN B 180 19.05 15.65 9.72
C ASN B 180 18.15 15.50 8.51
N PHE B 181 17.80 16.63 7.89
CA PHE B 181 16.88 16.62 6.76
C PHE B 181 17.42 15.76 5.62
N TYR B 182 16.49 15.26 4.81
CA TYR B 182 16.83 14.56 3.57
C TYR B 182 16.88 15.59 2.45
N GLY B 183 18.07 16.16 2.22
CA GLY B 183 18.25 17.11 1.16
C GLY B 183 18.58 18.51 1.66
N PRO B 184 18.56 19.48 0.75
CA PRO B 184 18.98 20.85 1.08
C PRO B 184 17.85 21.70 1.64
N PHE B 185 17.13 21.15 2.62
CA PHE B 185 15.91 21.75 3.11
C PHE B 185 16.07 22.25 4.54
N VAL B 186 15.16 23.13 4.93
CA VAL B 186 15.15 23.76 6.25
C VAL B 186 13.71 23.85 6.72
N ASP B 187 13.51 23.76 8.03
CA ASP B 187 12.16 23.82 8.60
C ASP B 187 11.75 25.29 8.80
N ARG B 188 11.62 25.98 7.68
CA ARG B 188 11.09 27.33 7.63
C ARG B 188 10.10 27.42 6.47
N GLN B 189 9.12 28.32 6.61
CA GLN B 189 8.10 28.51 5.57
C GLN B 189 8.63 29.54 4.57
N THR B 190 9.53 29.07 3.72
CA THR B 190 10.14 29.86 2.66
C THR B 190 9.94 29.17 1.32
N ALA B 191 10.15 29.92 0.24
CA ALA B 191 9.98 29.37 -1.10
C ALA B 191 11.14 28.44 -1.41
N GLN B 192 10.88 27.13 -1.43
CA GLN B 192 11.91 26.12 -1.58
C GLN B 192 11.55 25.17 -2.72
N ALA B 193 12.51 24.91 -3.59
CA ALA B 193 12.38 23.94 -4.66
C ALA B 193 13.55 22.97 -4.60
N ALA B 194 13.26 21.68 -4.75
CA ALA B 194 14.25 20.63 -4.58
C ALA B 194 15.23 20.66 -5.76
N GLY B 195 16.08 19.62 -5.83
CA GLY B 195 16.94 19.45 -6.99
C GLY B 195 16.18 18.88 -8.17
N THR B 196 16.89 18.77 -9.29
CA THR B 196 16.30 18.21 -10.49
C THR B 196 16.15 16.70 -10.34
N ASP B 197 14.97 16.19 -10.67
CA ASP B 197 14.63 14.79 -10.43
C ASP B 197 15.08 13.93 -11.60
N THR B 198 15.78 12.85 -11.30
CA THR B 198 16.19 11.86 -12.29
C THR B 198 15.44 10.55 -12.03
N THR B 199 15.48 9.66 -13.01
CA THR B 199 14.83 8.36 -12.91
C THR B 199 15.77 7.36 -12.24
N ILE B 200 15.25 6.65 -11.24
CA ILE B 200 16.03 5.64 -10.53
C ILE B 200 16.26 4.46 -11.47
N THR B 201 17.43 4.41 -12.08
CA THR B 201 17.66 3.51 -13.21
C THR B 201 17.60 2.05 -12.79
N VAL B 202 18.18 1.71 -11.64
CA VAL B 202 18.26 0.31 -11.23
C VAL B 202 16.87 -0.24 -10.94
N ASN B 203 15.98 0.60 -10.38
CA ASN B 203 14.64 0.14 -10.04
C ASN B 203 13.82 -0.16 -11.30
N VAL B 204 14.03 0.62 -12.37
CA VAL B 204 13.30 0.37 -13.61
C VAL B 204 13.69 -0.97 -14.20
N LEU B 205 14.99 -1.30 -14.19
CA LEU B 205 15.42 -2.65 -14.54
C LEU B 205 14.78 -3.68 -13.62
N ALA B 206 14.77 -3.39 -12.31
CA ALA B 206 14.17 -4.31 -11.35
C ALA B 206 12.68 -4.47 -11.61
N TRP B 207 12.01 -3.38 -12.00
CA TRP B 207 10.58 -3.44 -12.31
C TRP B 207 10.31 -4.15 -13.62
N LEU B 208 11.24 -4.06 -14.58
CA LEU B 208 11.12 -4.83 -15.81
C LEU B 208 11.47 -6.30 -15.61
N TYR B 209 12.25 -6.61 -14.58
CA TYR B 209 12.47 -8.01 -14.24
C TYR B 209 11.20 -8.64 -13.69
N ALA B 210 10.48 -7.93 -12.81
CA ALA B 210 9.20 -8.43 -12.32
C ALA B 210 8.21 -8.66 -13.46
N ALA B 211 8.33 -7.89 -14.55
CA ALA B 211 7.39 -8.01 -15.65
C ALA B 211 7.63 -9.28 -16.46
N VAL B 212 8.90 -9.67 -16.64
CA VAL B 212 9.19 -10.89 -17.39
C VAL B 212 8.77 -12.12 -16.59
N ILE B 213 8.97 -12.09 -15.27
CA ILE B 213 8.50 -13.18 -14.42
C ILE B 213 7.00 -13.33 -14.55
N ASN B 214 6.28 -12.22 -14.74
CA ASN B 214 4.83 -12.21 -14.71
C ASN B 214 4.20 -12.46 -16.07
N GLY B 215 5.00 -12.69 -17.12
CA GLY B 215 4.49 -13.05 -18.42
C GLY B 215 4.79 -12.06 -19.52
N ASP B 216 5.05 -10.78 -19.18
CA ASP B 216 5.35 -9.79 -20.20
C ASP B 216 6.72 -10.09 -20.83
N ARG B 217 6.78 -9.99 -22.16
CA ARG B 217 7.96 -10.46 -22.89
C ARG B 217 8.24 -9.69 -24.16
N TRP B 218 7.31 -8.81 -24.56
CA TRP B 218 7.40 -8.17 -25.87
C TRP B 218 8.50 -7.12 -25.95
N PHE B 219 8.93 -6.57 -24.82
CA PHE B 219 9.97 -5.55 -24.81
C PHE B 219 11.38 -6.14 -24.77
N LEU B 220 11.51 -7.46 -24.73
CA LEU B 220 12.81 -8.09 -24.58
C LEU B 220 13.65 -7.91 -25.83
N ASN B 221 14.96 -7.84 -25.63
CA ASN B 221 15.93 -7.69 -26.72
C ASN B 221 16.92 -8.85 -26.67
N ARG B 222 17.12 -9.51 -27.81
CA ARG B 222 18.06 -10.62 -27.87
C ARG B 222 19.49 -10.14 -27.69
N PHE B 223 19.87 -9.05 -28.36
CA PHE B 223 21.25 -8.60 -28.37
C PHE B 223 21.56 -7.77 -27.12
N THR B 224 22.81 -7.90 -26.67
CA THR B 224 23.27 -7.31 -25.42
C THR B 224 23.71 -5.87 -25.65
N THR B 225 24.18 -5.23 -24.59
CA THR B 225 24.90 -3.96 -24.65
C THR B 225 25.93 -3.96 -23.53
N THR B 226 26.58 -2.82 -23.32
CA THR B 226 27.63 -2.70 -22.32
C THR B 226 27.22 -1.73 -21.23
N LEU B 227 27.94 -1.80 -20.10
CA LEU B 227 27.72 -0.84 -19.02
C LEU B 227 28.20 0.55 -19.42
N ASN B 228 29.21 0.63 -20.30
CA ASN B 228 29.68 1.91 -20.80
C ASN B 228 28.71 2.49 -21.82
N ASP B 229 28.18 1.64 -22.71
CA ASP B 229 27.29 2.12 -23.76
C ASP B 229 25.90 2.44 -23.22
N PHE B 230 25.44 1.70 -22.20
CA PHE B 230 24.12 1.96 -21.65
C PHE B 230 24.10 3.24 -20.84
N ASN B 231 25.10 3.43 -19.97
CA ASN B 231 25.20 4.67 -19.21
C ASN B 231 25.29 5.88 -20.14
N LEU B 232 25.87 5.69 -21.33
CA LEU B 232 25.86 6.74 -22.34
C LEU B 232 24.44 7.09 -22.75
N VAL B 233 23.61 6.07 -22.98
CA VAL B 233 22.22 6.31 -23.36
C VAL B 233 21.35 6.55 -22.12
N ALA B 234 21.77 6.05 -20.96
CA ALA B 234 20.99 6.23 -19.74
C ALA B 234 20.79 7.71 -19.42
N MET B 235 21.88 8.48 -19.35
CA MET B 235 21.76 9.90 -19.03
C MET B 235 21.08 10.69 -20.13
N LYS B 236 21.02 10.17 -21.36
CA LYS B 236 20.31 10.85 -22.43
C LYS B 236 18.87 11.14 -22.05
N TYR B 237 18.24 10.22 -21.32
CA TYR B 237 16.83 10.33 -20.95
C TYR B 237 16.65 10.60 -19.47
N ASN B 238 17.66 11.22 -18.84
CA ASN B 238 17.62 11.62 -17.42
C ASN B 238 17.44 10.40 -16.50
N TYR B 239 18.40 9.49 -16.61
CA TYR B 239 18.45 8.29 -15.79
C TYR B 239 19.73 8.30 -14.97
N GLU B 240 19.63 7.88 -13.70
CA GLU B 240 20.80 7.74 -12.86
C GLU B 240 21.81 6.80 -13.53
N PRO B 241 23.10 6.98 -13.28
CA PRO B 241 24.09 6.05 -13.84
C PRO B 241 23.92 4.66 -13.26
N LEU B 242 24.28 3.66 -14.04
CA LEU B 242 24.19 2.27 -13.62
C LEU B 242 25.57 1.78 -13.19
N THR B 243 25.74 1.63 -11.88
CA THR B 243 26.99 1.15 -11.32
C THR B 243 27.06 -0.38 -11.41
N GLN B 244 28.26 -0.92 -11.22
CA GLN B 244 28.40 -2.37 -11.16
C GLN B 244 27.74 -2.96 -9.93
N ASP B 245 27.60 -2.17 -8.86
CA ASP B 245 26.85 -2.62 -7.70
C ASP B 245 25.39 -2.86 -8.06
N HIS B 246 24.78 -1.91 -8.79
CA HIS B 246 23.40 -2.09 -9.25
C HIS B 246 23.23 -3.41 -9.98
N VAL B 247 24.16 -3.73 -10.88
CA VAL B 247 24.16 -5.03 -11.55
C VAL B 247 24.20 -6.16 -10.53
N ASP B 248 25.09 -6.04 -9.53
CA ASP B 248 25.24 -7.09 -8.54
C ASP B 248 23.97 -7.27 -7.71
N ILE B 249 23.34 -6.17 -7.30
CA ILE B 249 22.13 -6.25 -6.48
C ILE B 249 21.00 -6.92 -7.26
N LEU B 250 20.99 -6.77 -8.58
CA LEU B 250 19.99 -7.43 -9.42
C LEU B 250 20.29 -8.90 -9.68
N GLY B 251 21.33 -9.43 -9.05
CA GLY B 251 21.75 -10.81 -9.26
C GLY B 251 20.67 -11.86 -9.07
N PRO B 252 19.93 -11.79 -7.96
CA PRO B 252 18.80 -12.73 -7.79
C PRO B 252 17.83 -12.75 -8.97
N LEU B 253 17.47 -11.57 -9.50
CA LEU B 253 16.49 -11.52 -10.58
C LEU B 253 17.11 -11.89 -11.93
N SER B 254 18.38 -11.55 -12.15
CA SER B 254 19.08 -12.03 -13.33
C SER B 254 19.17 -13.56 -13.34
N ALA B 255 19.08 -14.19 -12.17
CA ALA B 255 19.12 -15.64 -12.09
C ALA B 255 17.75 -16.26 -12.34
N GLN B 256 16.71 -15.72 -11.70
CA GLN B 256 15.37 -16.28 -11.85
C GLN B 256 14.88 -16.22 -13.28
N THR B 257 15.30 -15.20 -14.05
CA THR B 257 14.76 -14.96 -15.38
C THR B 257 15.62 -15.51 -16.50
N GLY B 258 16.92 -15.69 -16.27
CA GLY B 258 17.81 -16.12 -17.33
C GLY B 258 18.16 -15.05 -18.33
N ILE B 259 17.80 -13.79 -18.06
CA ILE B 259 18.15 -12.66 -18.91
C ILE B 259 19.21 -11.84 -18.18
N ALA B 260 20.39 -11.71 -18.80
CA ALA B 260 21.46 -10.93 -18.19
C ALA B 260 21.00 -9.50 -17.95
N VAL B 261 21.60 -8.85 -16.95
CA VAL B 261 21.23 -7.49 -16.62
C VAL B 261 21.54 -6.57 -17.79
N LEU B 262 22.64 -6.83 -18.50
CA LEU B 262 23.00 -6.02 -19.66
C LEU B 262 22.10 -6.34 -20.86
N ASP B 263 21.54 -7.54 -20.91
CA ASP B 263 20.49 -7.82 -21.90
C ASP B 263 19.23 -7.02 -21.58
N MET B 264 18.89 -6.92 -20.30
CA MET B 264 17.76 -6.11 -19.87
C MET B 264 18.00 -4.62 -20.15
N CYS B 265 19.26 -4.20 -20.16
CA CYS B 265 19.56 -2.80 -20.48
C CYS B 265 19.26 -2.49 -21.93
N ALA B 266 19.64 -3.39 -22.84
CA ALA B 266 19.34 -3.21 -24.26
C ALA B 266 17.84 -3.10 -24.47
N SER B 267 17.05 -3.86 -23.71
CA SER B 267 15.60 -3.76 -23.80
C SER B 267 15.12 -2.42 -23.28
N LEU B 268 15.76 -1.90 -22.22
CA LEU B 268 15.42 -0.57 -21.73
C LEU B 268 15.80 0.50 -22.74
N LYS B 269 16.91 0.29 -23.47
CA LYS B 269 17.31 1.22 -24.52
C LYS B 269 16.26 1.29 -25.62
N GLU B 270 15.75 0.14 -26.04
CA GLU B 270 14.71 0.11 -27.07
C GLU B 270 13.41 0.73 -26.56
N LEU B 271 13.07 0.50 -25.29
CA LEU B 271 11.86 1.08 -24.74
C LEU B 271 11.96 2.58 -24.60
N LEU B 272 13.13 3.08 -24.16
CA LEU B 272 13.33 4.52 -24.06
C LEU B 272 13.20 5.19 -25.42
N GLN B 273 13.81 4.59 -26.45
CA GLN B 273 13.85 5.21 -27.76
C GLN B 273 12.47 5.25 -28.40
N ASN B 274 11.77 4.11 -28.42
CA ASN B 274 10.52 3.99 -29.15
C ASN B 274 9.28 4.21 -28.29
N GLY B 275 9.36 3.99 -26.99
CA GLY B 275 8.18 4.00 -26.16
C GLY B 275 7.52 2.64 -26.11
N MET B 276 6.31 2.61 -25.55
CA MET B 276 5.58 1.36 -25.38
C MET B 276 4.69 1.03 -26.56
N ASN B 277 4.48 1.97 -27.49
CA ASN B 277 3.56 1.79 -28.61
C ASN B 277 2.16 1.43 -28.12
N GLY B 278 1.67 2.21 -27.16
CA GLY B 278 0.33 2.01 -26.64
C GLY B 278 0.12 0.67 -25.95
N ARG B 279 1.19 -0.01 -25.58
CA ARG B 279 1.09 -1.27 -24.85
C ARG B 279 1.43 -1.04 -23.39
N THR B 280 1.02 -2.00 -22.55
CA THR B 280 1.11 -1.85 -21.11
C THR B 280 2.10 -2.87 -20.54
N ILE B 281 2.82 -2.45 -19.51
CA ILE B 281 3.72 -3.31 -18.74
C ILE B 281 3.26 -3.30 -17.30
N LEU B 282 2.85 -4.46 -16.79
CA LEU B 282 2.37 -4.60 -15.41
C LEU B 282 1.22 -3.64 -15.11
N GLY B 283 0.44 -3.31 -16.15
CA GLY B 283 -0.65 -2.38 -16.02
C GLY B 283 -0.25 -0.92 -15.94
N SER B 284 0.89 -0.55 -16.52
CA SER B 284 1.40 0.81 -16.42
C SER B 284 1.95 1.25 -17.77
N ALA B 285 1.50 2.40 -18.26
CA ALA B 285 2.00 2.98 -19.50
C ALA B 285 3.20 3.89 -19.27
N LEU B 286 3.83 3.82 -18.11
CA LEU B 286 5.03 4.60 -17.80
C LEU B 286 6.01 3.70 -17.06
N LEU B 287 7.30 3.93 -17.31
CA LEU B 287 8.33 3.13 -16.64
C LEU B 287 8.43 3.54 -15.18
N GLU B 288 8.27 2.56 -14.28
CA GLU B 288 8.19 2.80 -12.84
C GLU B 288 9.54 2.59 -12.19
N ASP B 289 10.01 3.60 -11.47
CA ASP B 289 11.30 3.57 -10.77
C ASP B 289 11.13 3.46 -9.26
N GLU B 290 9.97 3.02 -8.78
CA GLU B 290 9.62 3.08 -7.38
C GLU B 290 9.71 1.73 -6.67
N PHE B 291 10.25 0.71 -7.33
CA PHE B 291 10.39 -0.62 -6.75
C PHE B 291 11.86 -1.02 -6.78
N THR B 292 12.49 -1.07 -5.61
CA THR B 292 13.87 -1.48 -5.50
C THR B 292 14.02 -2.95 -5.90
N PRO B 293 15.26 -3.39 -6.18
CA PRO B 293 15.48 -4.83 -6.39
C PRO B 293 14.98 -5.70 -5.25
N PHE B 294 14.96 -5.18 -4.01
CA PHE B 294 14.48 -5.98 -2.89
C PHE B 294 12.96 -6.11 -2.92
N ASP B 295 12.25 -5.04 -3.28
CA ASP B 295 10.80 -5.14 -3.41
C ASP B 295 10.41 -6.14 -4.50
N VAL B 296 11.23 -6.26 -5.55
CA VAL B 296 10.90 -7.16 -6.65
C VAL B 296 11.14 -8.60 -6.23
N VAL B 297 12.29 -8.88 -5.61
CA VAL B 297 12.61 -10.25 -5.19
C VAL B 297 11.62 -10.73 -4.15
N ARG B 298 11.33 -9.89 -3.15
CA ARG B 298 10.42 -10.28 -2.07
C ARG B 298 9.04 -10.61 -2.58
N GLN B 299 8.61 -9.98 -3.68
CA GLN B 299 7.27 -10.22 -4.21
C GLN B 299 7.24 -11.29 -5.30
N CYS B 300 8.39 -11.66 -5.86
CA CYS B 300 8.45 -12.63 -6.94
C CYS B 300 8.91 -14.01 -6.48
N SER B 301 10.05 -14.08 -5.79
CA SER B 301 10.56 -15.35 -5.33
C SER B 301 9.83 -15.82 -4.08
N GLY B 302 9.66 -17.13 -3.97
CA GLY B 302 9.01 -17.71 -2.81
C GLY B 302 9.95 -17.87 -1.63
N THR C 1 -2.13 -23.57 -17.57
CA THR C 1 -3.37 -23.27 -18.29
C THR C 1 -4.60 -23.62 -17.45
N SER C 2 -4.38 -23.76 -16.14
CA SER C 2 -5.45 -24.07 -15.20
C SER C 2 -5.21 -23.28 -13.92
N VAL C 3 -6.15 -23.40 -12.98
CA VAL C 3 -6.06 -22.71 -11.71
C VAL C 3 -5.05 -23.42 -10.81
N LYS C 4 -4.48 -22.68 -9.87
CA LYS C 4 -3.60 -23.23 -8.83
C LYS C 4 -4.13 -22.82 -7.48
N LEU C 5 -4.48 -23.80 -6.65
CA LEU C 5 -4.74 -23.54 -5.24
C LEU C 5 -3.44 -23.14 -4.56
N GLN C 6 -3.47 -22.05 -3.79
CA GLN C 6 -2.24 -21.42 -3.31
C GLN C 6 -2.02 -21.62 -1.81
N ALA C 7 -2.24 -22.83 -1.33
CA ALA C 7 -1.62 -23.29 -0.09
C ALA C 7 -0.32 -24.00 -0.43
N GLU C 8 0.54 -24.16 0.57
CA GLU C 8 1.85 -24.75 0.36
C GLU C 8 1.76 -26.26 0.55
N PHE C 9 1.94 -27.01 -0.55
CA PHE C 9 1.90 -28.47 -0.53
C PHE C 9 3.32 -29.03 -0.46
N ARG C 10 3.41 -30.35 -0.48
CA ARG C 10 4.69 -31.05 -0.52
C ARG C 10 4.69 -32.09 -1.64
N THR D 1 3.17 29.26 -2.79
CA THR D 1 4.46 29.67 -3.32
C THR D 1 5.59 29.32 -2.35
N SER D 2 5.23 29.06 -1.10
CA SER D 2 6.19 28.78 -0.05
C SER D 2 5.91 27.41 0.58
N VAL D 3 6.87 26.96 1.38
CA VAL D 3 6.76 25.65 2.03
C VAL D 3 5.74 25.74 3.17
N LYS D 4 5.00 24.65 3.36
CA LYS D 4 3.99 24.56 4.42
C LYS D 4 4.40 23.47 5.40
N LEU D 5 4.80 23.87 6.60
CA LEU D 5 5.01 22.91 7.68
C LEU D 5 3.67 22.28 8.06
N GLN D 6 3.65 20.94 8.17
CA GLN D 6 2.40 20.20 8.21
C GLN D 6 2.06 19.67 9.60
N ALA D 7 2.40 20.43 10.64
CA ALA D 7 1.75 20.21 11.92
C ALA D 7 0.35 20.82 11.87
N GLU D 8 -0.39 20.72 12.96
CA GLU D 8 -1.72 21.31 13.03
C GLU D 8 -1.64 22.54 13.92
N PHE D 9 -1.57 23.71 13.29
CA PHE D 9 -1.63 24.99 13.97
C PHE D 9 -3.08 25.42 14.13
N ARG D 10 -3.31 26.29 15.12
CA ARG D 10 -4.51 27.15 15.30
C ARG D 10 -4.60 27.59 16.76
#